data_7LRS
#
_entry.id   7LRS
#
_cell.length_a   1.00
_cell.length_b   1.00
_cell.length_c   1.00
_cell.angle_alpha   90.00
_cell.angle_beta   90.00
_cell.angle_gamma   90.00
#
_symmetry.space_group_name_H-M   'P 1'
#
loop_
_entity.id
_entity.type
_entity.pdbx_description
1 polymer 'Spike glycoprotein'
2 polymer 'antibody A23-58.1 heavy chain'
3 polymer 'antibody A23-58.1 light chain'
4 branched alpha-D-mannopyranose-(1-3)-[alpha-D-mannopyranose-(1-6)]beta-D-mannopyranose-(1-4)-2-acetamido-2-deoxy-beta-D-glucopyranose-(1-4)-2-acetamido-2-deoxy-beta-D-glucopyranose
5 branched beta-D-mannopyranose-(1-4)-2-acetamido-2-deoxy-beta-D-glucopyranose-(1-4)-2-acetamido-2-deoxy-beta-D-glucopyranose
#
loop_
_entity_poly.entity_id
_entity_poly.type
_entity_poly.pdbx_seq_one_letter_code
_entity_poly.pdbx_strand_id
1 'polypeptide(L)'
;ITNLCPFGEVFNATRFASVYAWNRKRISNCVADYSVLYNSASFSTFKCYGVSPTKLNDLCFTNVYADSFVIRGDEVRQIA
PGQTGKIADYNYKLPDDFTGCVIAWNSNNLDSKVGGNYNYLYRLFRKSNLKPFERDISTEIYQAGSTPCNGVEGFNCYFP
LQSYGFQPTNGVGYQPYRVVVLSFELLHAPATVCGP
;
C
2 'polypeptide(L)'
;QMQLVQSGPEVKKPGTSVKVSCKASGFTFTSSAVQWVRQARGQRLEWIGWIVVGSGNTNYAQKFQERVTITRDMSTSTAY
MELSSLRSEDTAVYYCAAPNCSNVVCYDGFDIWGQGTMVTVSSASTKGPSVFPLAPSSKSTSGGTAALGCLVKDYFPEPV
TVSWNSGALTSGVHTFPAVLQSSGLYSLSSVVTVPSSSLGTQTYICNVNHKPSNTKVDKKVEPKSCDK
;
D
3 'polypeptide(L)'
;EIVLTQSPGTLSLSPGERATLSCRASQSVSSSYLAWYQQKPGQAPRLLIYSASSRATGIPDRFSGSGSGTDFTLTISRLE
PEDFAVYFCQQYGTSPWTFGQGTKVEIKRTVAAPSVFIFPPSDEQLKSGTASVVCLLNNFYPREAKVQWKVDNALQSGNS
QESVTEQDSKDSTYSLSSTLTLSKADYEKHKVYACEVTHQGLSSPVTKSFNRGEC
;
E
#
# COMPACT_ATOMS: atom_id res chain seq x y z
N ILE A 1 -16.06 -63.10 -31.95
CA ILE A 1 -15.36 -61.84 -31.71
C ILE A 1 -15.96 -61.15 -30.50
N THR A 2 -17.01 -61.75 -29.94
CA THR A 2 -17.70 -61.35 -28.71
C THR A 2 -17.98 -59.86 -28.64
N ASN A 3 -18.11 -59.33 -27.43
CA ASN A 3 -18.50 -57.94 -27.21
C ASN A 3 -17.29 -57.09 -26.83
N LEU A 4 -17.45 -55.78 -27.02
CA LEU A 4 -16.44 -54.79 -26.70
C LEU A 4 -16.81 -54.07 -25.41
N CYS A 5 -16.08 -53.02 -25.08
CA CYS A 5 -16.45 -52.07 -24.03
C CYS A 5 -16.49 -50.65 -24.58
N PRO A 6 -17.36 -49.78 -24.01
CA PRO A 6 -17.69 -48.49 -24.63
C PRO A 6 -16.60 -47.43 -24.52
N PHE A 7 -15.38 -47.79 -24.94
CA PHE A 7 -14.31 -46.81 -25.04
C PHE A 7 -14.72 -45.64 -25.93
N GLY A 8 -15.57 -45.90 -26.93
CA GLY A 8 -16.05 -44.86 -27.80
C GLY A 8 -16.79 -43.77 -27.06
N GLU A 9 -17.82 -44.14 -26.29
CA GLU A 9 -18.58 -43.11 -25.59
C GLU A 9 -17.80 -42.54 -24.42
N VAL A 10 -16.86 -43.31 -23.86
CA VAL A 10 -15.97 -42.73 -22.86
C VAL A 10 -15.15 -41.60 -23.47
N PHE A 11 -14.65 -41.81 -24.68
CA PHE A 11 -13.89 -40.75 -25.35
C PHE A 11 -14.80 -39.74 -26.02
N ASN A 12 -15.84 -40.20 -26.72
CA ASN A 12 -16.71 -39.33 -27.51
C ASN A 12 -17.85 -38.73 -26.69
N ALA A 13 -17.72 -38.66 -25.37
CA ALA A 13 -18.72 -38.01 -24.55
C ALA A 13 -18.69 -36.50 -24.76
N THR A 14 -19.83 -35.86 -24.50
CA THR A 14 -19.95 -34.43 -24.71
C THR A 14 -19.24 -33.63 -23.62
N ARG A 15 -19.69 -33.78 -22.38
CA ARG A 15 -19.13 -33.07 -21.23
C ARG A 15 -18.53 -34.08 -20.29
N PHE A 16 -17.22 -33.97 -20.05
CA PHE A 16 -16.53 -35.01 -19.27
C PHE A 16 -16.73 -34.80 -17.77
N ALA A 17 -16.12 -33.75 -17.23
CA ALA A 17 -16.13 -33.46 -15.79
C ALA A 17 -15.31 -32.21 -15.56
N SER A 18 -15.31 -31.76 -14.30
CA SER A 18 -14.35 -30.78 -13.82
C SER A 18 -13.17 -31.52 -13.19
N VAL A 19 -12.04 -30.80 -13.08
CA VAL A 19 -10.80 -31.47 -12.67
C VAL A 19 -10.86 -31.91 -11.22
N TYR A 20 -11.43 -31.09 -10.33
CA TYR A 20 -11.42 -31.43 -8.92
C TYR A 20 -12.42 -32.55 -8.60
N ALA A 21 -13.33 -32.85 -9.50
CA ALA A 21 -14.29 -33.95 -9.34
C ALA A 21 -14.19 -34.81 -10.60
N TRP A 22 -13.25 -35.74 -10.59
CA TRP A 22 -13.02 -36.64 -11.71
C TRP A 22 -13.79 -37.94 -11.53
N ASN A 23 -14.28 -38.49 -12.64
CA ASN A 23 -15.14 -39.66 -12.59
C ASN A 23 -14.34 -40.95 -12.76
N ARG A 24 -15.03 -42.07 -12.60
CA ARG A 24 -14.44 -43.38 -12.76
C ARG A 24 -15.43 -44.29 -13.49
N LYS A 25 -14.90 -45.34 -14.10
CA LYS A 25 -15.74 -46.31 -14.80
C LYS A 25 -14.98 -47.62 -14.84
N ARG A 26 -15.41 -48.58 -14.02
CA ARG A 26 -14.76 -49.88 -14.00
C ARG A 26 -15.09 -50.64 -15.28
N ILE A 27 -14.06 -51.00 -16.02
CA ILE A 27 -14.20 -51.66 -17.32
C ILE A 27 -13.60 -53.05 -17.21
N SER A 28 -14.39 -54.07 -17.56
CA SER A 28 -13.94 -55.45 -17.47
C SER A 28 -14.90 -56.32 -18.27
N ASN A 29 -14.54 -57.61 -18.35
CA ASN A 29 -15.40 -58.65 -18.93
C ASN A 29 -15.74 -58.38 -20.39
N CYS A 30 -14.74 -57.95 -21.17
CA CYS A 30 -14.88 -57.84 -22.61
C CYS A 30 -13.49 -57.94 -23.22
N VAL A 31 -13.40 -57.58 -24.50
CA VAL A 31 -12.12 -57.44 -25.17
C VAL A 31 -11.92 -55.97 -25.51
N ALA A 32 -10.67 -55.53 -25.48
CA ALA A 32 -10.31 -54.16 -25.79
C ALA A 32 -9.13 -54.17 -26.75
N ASP A 33 -9.11 -53.20 -27.65
CA ASP A 33 -8.06 -53.08 -28.66
C ASP A 33 -7.35 -51.75 -28.46
N TYR A 34 -6.21 -51.79 -27.75
CA TYR A 34 -5.42 -50.59 -27.58
C TYR A 34 -4.52 -50.37 -28.80
N SER A 35 -5.11 -50.44 -29.98
CA SER A 35 -4.36 -50.25 -31.22
C SER A 35 -4.96 -49.17 -32.11
N VAL A 36 -6.29 -49.10 -32.20
CA VAL A 36 -6.92 -48.05 -33.01
C VAL A 36 -6.63 -46.68 -32.41
N LEU A 37 -6.38 -46.62 -31.10
CA LEU A 37 -6.13 -45.34 -30.46
C LEU A 37 -4.83 -44.72 -30.94
N TYR A 38 -3.80 -45.53 -31.17
CA TYR A 38 -2.48 -45.00 -31.50
C TYR A 38 -2.05 -45.27 -32.94
N ASN A 39 -2.65 -46.24 -33.62
CA ASN A 39 -2.20 -46.57 -34.97
C ASN A 39 -2.43 -45.39 -35.92
N SER A 40 -3.58 -44.74 -35.84
CA SER A 40 -3.85 -43.56 -36.66
C SER A 40 -4.92 -42.74 -35.94
N ALA A 41 -4.50 -41.65 -35.31
CA ALA A 41 -5.43 -40.77 -34.60
C ALA A 41 -4.80 -39.40 -34.45
N SER A 42 -5.62 -38.44 -34.05
CA SER A 42 -5.19 -37.06 -33.85
C SER A 42 -4.92 -36.73 -32.38
N PHE A 43 -4.85 -37.75 -31.52
CA PHE A 43 -4.63 -37.55 -30.09
C PHE A 43 -3.16 -37.22 -29.88
N SER A 44 -2.85 -35.94 -29.72
CA SER A 44 -1.48 -35.55 -29.42
C SER A 44 -1.10 -35.94 -28.00
N THR A 45 0.20 -35.95 -27.73
CA THR A 45 0.73 -36.23 -26.40
C THR A 45 0.22 -37.57 -25.85
N PHE A 46 0.33 -38.61 -26.67
CA PHE A 46 -0.04 -39.97 -26.26
C PHE A 46 1.11 -40.60 -25.47
N LYS A 47 1.45 -39.97 -24.35
CA LYS A 47 2.51 -40.48 -23.51
C LYS A 47 2.04 -41.75 -22.82
N CYS A 48 2.93 -42.75 -22.71
CA CYS A 48 2.51 -44.11 -22.40
C CYS A 48 3.40 -44.72 -21.31
N TYR A 49 3.51 -44.01 -20.18
CA TYR A 49 4.18 -44.55 -18.99
C TYR A 49 3.71 -45.97 -18.70
N GLY A 50 4.60 -46.74 -18.05
CA GLY A 50 4.29 -48.13 -17.76
C GLY A 50 4.94 -49.06 -18.76
N VAL A 51 4.14 -49.57 -19.70
CA VAL A 51 4.63 -50.39 -20.80
C VAL A 51 4.50 -49.58 -22.09
N SER A 52 5.46 -49.76 -22.99
CA SER A 52 5.46 -48.99 -24.23
C SER A 52 4.21 -49.30 -25.05
N PRO A 53 3.68 -48.31 -25.79
CA PRO A 53 2.42 -48.56 -26.52
C PRO A 53 2.52 -49.66 -27.55
N THR A 54 3.70 -49.88 -28.12
CA THR A 54 3.86 -51.01 -29.02
C THR A 54 3.71 -52.31 -28.26
N LYS A 55 3.13 -53.32 -28.93
CA LYS A 55 2.93 -54.64 -28.33
C LYS A 55 2.16 -54.53 -27.03
N LEU A 56 1.11 -53.70 -27.02
CA LEU A 56 0.29 -53.51 -25.83
C LEU A 56 -0.98 -54.36 -25.85
N ASN A 57 -1.48 -54.73 -27.02
CA ASN A 57 -2.73 -55.48 -27.09
C ASN A 57 -2.61 -56.84 -26.42
N ASP A 58 -1.49 -57.52 -26.61
CA ASP A 58 -1.38 -58.91 -26.17
C ASP A 58 -1.48 -59.04 -24.66
N LEU A 59 -0.79 -58.17 -23.92
CA LEU A 59 -0.76 -58.30 -22.46
C LEU A 59 -2.14 -58.04 -21.87
N CYS A 60 -2.51 -58.85 -20.88
CA CYS A 60 -3.84 -58.82 -20.31
C CYS A 60 -3.77 -58.57 -18.81
N PHE A 61 -4.69 -57.74 -18.32
CA PHE A 61 -4.77 -57.38 -16.92
C PHE A 61 -6.19 -57.62 -16.42
N THR A 62 -6.37 -57.46 -15.11
CA THR A 62 -7.64 -57.83 -14.47
C THR A 62 -8.73 -56.81 -14.77
N ASN A 63 -8.54 -55.57 -14.34
CA ASN A 63 -9.52 -54.51 -14.49
C ASN A 63 -8.86 -53.27 -15.07
N VAL A 64 -9.68 -52.41 -15.66
CA VAL A 64 -9.22 -51.16 -16.27
C VAL A 64 -10.00 -50.02 -15.66
N TYR A 65 -9.28 -49.01 -15.18
CA TYR A 65 -9.88 -47.82 -14.59
C TYR A 65 -9.68 -46.63 -15.52
N ALA A 66 -10.76 -45.90 -15.80
CA ALA A 66 -10.72 -44.73 -16.66
C ALA A 66 -11.04 -43.49 -15.85
N ASP A 67 -10.18 -42.49 -15.93
CA ASP A 67 -10.37 -41.22 -15.24
C ASP A 67 -10.36 -40.09 -16.26
N SER A 68 -11.28 -39.14 -16.12
CA SER A 68 -11.43 -38.08 -17.10
C SER A 68 -11.60 -36.74 -16.39
N PHE A 69 -11.12 -35.69 -17.04
CA PHE A 69 -11.10 -34.35 -16.47
C PHE A 69 -10.62 -33.37 -17.54
N VAL A 70 -10.73 -32.08 -17.23
CA VAL A 70 -10.35 -31.00 -18.13
C VAL A 70 -9.42 -30.05 -17.39
N ILE A 71 -8.30 -29.69 -18.01
CA ILE A 71 -7.28 -28.84 -17.40
C ILE A 71 -6.82 -27.82 -18.43
N ARG A 72 -5.87 -26.98 -18.00
CA ARG A 72 -5.33 -25.92 -18.85
C ARG A 72 -4.44 -26.52 -19.95
N GLY A 73 -4.14 -25.69 -20.94
CA GLY A 73 -3.34 -26.12 -22.08
C GLY A 73 -1.89 -26.38 -21.74
N ASP A 74 -1.16 -25.33 -21.37
CA ASP A 74 0.26 -25.47 -21.07
C ASP A 74 0.52 -26.28 -19.81
N GLU A 75 -0.47 -26.44 -18.95
CA GLU A 75 -0.29 -27.14 -17.68
C GLU A 75 -0.74 -28.59 -17.84
N VAL A 76 0.03 -29.32 -18.64
CA VAL A 76 -0.22 -30.75 -18.86
C VAL A 76 0.98 -31.61 -18.50
N ARG A 77 2.19 -31.06 -18.45
CA ARG A 77 3.35 -31.86 -18.08
C ARG A 77 3.42 -32.15 -16.59
N GLN A 78 2.59 -31.49 -15.78
CA GLN A 78 2.62 -31.69 -14.33
C GLN A 78 1.90 -32.94 -13.89
N ILE A 79 1.10 -33.56 -14.75
CA ILE A 79 0.34 -34.76 -14.41
C ILE A 79 1.19 -35.94 -14.83
N ALA A 80 2.02 -36.43 -13.90
CA ALA A 80 2.93 -37.52 -14.16
C ALA A 80 3.46 -38.03 -12.83
N PRO A 81 4.00 -39.25 -12.79
CA PRO A 81 4.67 -39.72 -11.56
C PRO A 81 5.67 -38.71 -11.02
N GLY A 82 5.36 -38.12 -9.87
CA GLY A 82 6.15 -37.03 -9.35
C GLY A 82 5.62 -35.67 -9.76
N GLN A 83 6.53 -34.69 -9.85
CA GLN A 83 6.22 -33.31 -10.27
C GLN A 83 5.35 -32.60 -9.22
N THR A 84 5.52 -31.28 -9.11
CA THR A 84 4.81 -30.48 -8.12
C THR A 84 4.25 -29.23 -8.79
N GLY A 85 3.22 -28.68 -8.18
CA GLY A 85 2.62 -27.46 -8.68
C GLY A 85 1.23 -27.28 -8.09
N LYS A 86 0.49 -26.33 -8.67
CA LYS A 86 -0.88 -26.10 -8.25
C LYS A 86 -1.75 -27.32 -8.56
N ILE A 87 -1.52 -27.95 -9.70
CA ILE A 87 -2.17 -29.20 -10.04
C ILE A 87 -1.24 -30.34 -9.63
N ALA A 88 -1.81 -31.56 -9.58
CA ALA A 88 -1.06 -32.77 -9.24
C ALA A 88 -0.55 -32.74 -7.81
N ASP A 89 -0.87 -31.67 -7.08
CA ASP A 89 -0.60 -31.60 -5.66
C ASP A 89 -1.80 -31.18 -4.84
N TYR A 90 -2.88 -30.74 -5.49
CA TYR A 90 -4.11 -30.37 -4.81
C TYR A 90 -5.35 -31.03 -5.39
N ASN A 91 -5.31 -31.54 -6.62
CA ASN A 91 -6.48 -32.12 -7.27
C ASN A 91 -6.28 -33.57 -7.68
N TYR A 92 -5.18 -33.90 -8.35
CA TYR A 92 -4.96 -35.25 -8.88
C TYR A 92 -3.53 -35.68 -8.57
N LYS A 93 -3.33 -36.34 -7.43
CA LYS A 93 -2.01 -36.82 -7.03
C LYS A 93 -1.80 -38.19 -7.66
N LEU A 94 -1.05 -38.23 -8.75
CA LEU A 94 -0.78 -39.48 -9.44
C LEU A 94 0.39 -40.19 -8.75
N PRO A 95 0.19 -41.41 -8.25
CA PRO A 95 1.25 -42.07 -7.48
C PRO A 95 2.42 -42.49 -8.35
N ASP A 96 3.55 -42.71 -7.69
CA ASP A 96 4.68 -43.34 -8.35
C ASP A 96 4.38 -44.81 -8.62
N ASP A 97 5.27 -45.46 -9.35
CA ASP A 97 5.11 -46.85 -9.75
C ASP A 97 3.77 -47.04 -10.47
N PHE A 98 3.49 -46.12 -11.40
CA PHE A 98 2.21 -46.07 -12.08
C PHE A 98 2.16 -47.06 -13.23
N THR A 99 0.96 -47.55 -13.51
CA THR A 99 0.68 -48.43 -14.63
C THR A 99 -0.44 -47.84 -15.46
N GLY A 100 -0.29 -47.86 -16.78
CA GLY A 100 -1.27 -47.30 -17.67
C GLY A 100 -0.74 -46.08 -18.40
N CYS A 101 -1.39 -45.76 -19.52
CA CYS A 101 -0.93 -44.71 -20.42
C CYS A 101 -1.96 -43.60 -20.50
N VAL A 102 -1.47 -42.39 -20.72
CA VAL A 102 -2.27 -41.17 -20.61
C VAL A 102 -2.54 -40.61 -22.00
N ILE A 103 -3.77 -40.16 -22.22
CA ILE A 103 -4.20 -39.54 -23.46
C ILE A 103 -4.63 -38.12 -23.16
N ALA A 104 -4.07 -37.16 -23.90
CA ALA A 104 -4.36 -35.73 -23.68
C ALA A 104 -4.42 -35.04 -25.04
N TRP A 105 -5.62 -34.94 -25.59
CA TRP A 105 -5.81 -34.33 -26.90
C TRP A 105 -6.39 -32.93 -26.75
N ASN A 106 -5.93 -32.01 -27.60
CA ASN A 106 -6.40 -30.64 -27.56
C ASN A 106 -7.83 -30.54 -28.08
N SER A 107 -8.53 -29.49 -27.64
CA SER A 107 -9.91 -29.28 -28.05
C SER A 107 -10.26 -27.82 -27.87
N ASN A 108 -10.62 -27.16 -28.98
CA ASN A 108 -11.10 -25.78 -28.93
C ASN A 108 -12.36 -25.63 -29.76
N ASN A 109 -13.19 -26.68 -29.83
CA ASN A 109 -14.43 -26.65 -30.59
C ASN A 109 -15.66 -26.96 -29.76
N LEU A 110 -15.52 -27.66 -28.63
CA LEU A 110 -16.64 -27.93 -27.73
C LEU A 110 -16.40 -27.28 -26.36
N ASP A 111 -15.60 -26.23 -26.33
CA ASP A 111 -15.26 -25.57 -25.07
C ASP A 111 -14.79 -24.16 -25.40
N SER A 112 -14.73 -23.33 -24.35
CA SER A 112 -14.33 -21.93 -24.46
C SER A 112 -15.23 -21.17 -25.44
N LYS A 113 -16.51 -21.09 -25.05
CA LYS A 113 -17.53 -20.48 -25.88
C LYS A 113 -17.22 -19.01 -26.16
N VAL A 114 -17.98 -18.43 -27.09
CA VAL A 114 -17.77 -17.03 -27.45
C VAL A 114 -18.08 -16.14 -26.26
N GLY A 115 -17.19 -15.21 -25.99
CA GLY A 115 -17.33 -14.33 -24.82
C GLY A 115 -16.56 -14.86 -23.61
N GLY A 116 -17.28 -15.28 -22.58
CA GLY A 116 -16.66 -15.82 -21.39
C GLY A 116 -17.25 -17.15 -20.97
N ASN A 117 -16.43 -18.19 -20.95
CA ASN A 117 -16.86 -19.54 -20.58
C ASN A 117 -16.38 -19.81 -19.15
N TYR A 118 -17.22 -19.46 -18.19
CA TYR A 118 -16.91 -19.61 -16.77
C TYR A 118 -17.80 -20.71 -16.21
N ASN A 119 -17.38 -21.96 -16.39
CA ASN A 119 -18.13 -23.09 -15.84
C ASN A 119 -17.26 -24.13 -15.15
N TYR A 120 -15.96 -24.21 -15.44
CA TYR A 120 -15.11 -25.22 -14.84
C TYR A 120 -14.47 -24.69 -13.56
N LEU A 121 -14.12 -25.60 -12.67
CA LEU A 121 -13.60 -25.24 -11.35
C LEU A 121 -12.39 -26.11 -11.02
N TYR A 122 -11.50 -25.56 -10.20
CA TYR A 122 -10.34 -26.29 -9.71
C TYR A 122 -9.96 -25.78 -8.34
N ARG A 123 -9.58 -26.71 -7.46
CA ARG A 123 -9.22 -26.33 -6.10
C ARG A 123 -7.94 -25.51 -6.09
N LEU A 124 -7.92 -24.45 -5.30
CA LEU A 124 -6.80 -23.53 -5.25
C LEU A 124 -6.13 -23.46 -3.88
N PHE A 125 -6.86 -23.67 -2.80
CA PHE A 125 -6.32 -23.61 -1.45
C PHE A 125 -6.59 -24.92 -0.73
N ARG A 126 -5.55 -25.48 -0.11
CA ARG A 126 -5.69 -26.68 0.70
C ARG A 126 -4.56 -26.72 1.70
N LYS A 127 -4.86 -27.24 2.90
CA LYS A 127 -3.90 -27.20 3.99
C LYS A 127 -2.77 -28.21 3.82
N SER A 128 -2.99 -29.30 3.09
CA SER A 128 -1.99 -30.34 2.94
C SER A 128 -2.11 -30.99 1.58
N ASN A 129 -1.04 -31.64 1.16
CA ASN A 129 -1.01 -32.30 -0.14
C ASN A 129 -1.91 -33.53 -0.14
N LEU A 130 -2.37 -33.89 -1.34
CA LEU A 130 -3.31 -34.99 -1.49
C LEU A 130 -2.62 -36.34 -1.36
N LYS A 131 -3.34 -37.30 -0.77
CA LYS A 131 -2.88 -38.67 -0.74
C LYS A 131 -3.04 -39.29 -2.12
N PRO A 132 -2.32 -40.39 -2.40
CA PRO A 132 -2.43 -41.02 -3.72
C PRO A 132 -3.86 -41.43 -4.04
N PHE A 133 -4.27 -41.13 -5.27
CA PHE A 133 -5.64 -41.36 -5.76
C PHE A 133 -6.68 -40.88 -4.75
N GLU A 134 -6.67 -39.58 -4.49
CA GLU A 134 -7.58 -38.97 -3.55
C GLU A 134 -8.31 -37.82 -4.22
N ARG A 135 -9.64 -37.81 -4.10
CA ARG A 135 -10.47 -36.73 -4.61
C ARG A 135 -11.20 -36.08 -3.45
N ASP A 136 -11.14 -34.76 -3.36
CA ASP A 136 -11.73 -34.01 -2.25
C ASP A 136 -12.82 -33.10 -2.80
N ILE A 137 -14.05 -33.62 -2.84
CA ILE A 137 -15.20 -32.83 -3.29
C ILE A 137 -15.73 -32.12 -2.05
N SER A 138 -15.13 -30.97 -1.76
CA SER A 138 -15.47 -30.18 -0.59
C SER A 138 -15.60 -28.72 -0.98
N THR A 139 -16.42 -28.00 -0.22
CA THR A 139 -16.69 -26.59 -0.48
C THR A 139 -16.46 -25.75 0.78
N GLU A 140 -16.08 -26.37 1.89
CA GLU A 140 -15.97 -25.66 3.16
C GLU A 140 -14.91 -24.57 3.07
N ILE A 141 -15.08 -23.54 3.91
CA ILE A 141 -14.26 -22.34 3.84
C ILE A 141 -12.86 -22.63 4.34
N TYR A 142 -11.86 -22.21 3.57
CA TYR A 142 -10.47 -22.38 3.98
C TYR A 142 -10.14 -21.45 5.15
N GLN A 143 -9.28 -21.95 6.04
CA GLN A 143 -8.81 -21.19 7.19
C GLN A 143 -7.33 -20.92 7.02
N ALA A 144 -6.99 -19.74 6.50
CA ALA A 144 -5.61 -19.38 6.23
C ALA A 144 -4.97 -18.58 7.35
N GLY A 145 -5.69 -18.34 8.45
CA GLY A 145 -5.16 -17.53 9.53
C GLY A 145 -5.10 -18.24 10.86
N SER A 146 -5.22 -17.48 11.95
CA SER A 146 -5.21 -18.04 13.30
C SER A 146 -6.49 -17.70 14.05
N THR A 147 -7.51 -17.19 13.36
CA THR A 147 -8.77 -16.83 13.98
C THR A 147 -9.92 -17.49 13.23
N PRO A 148 -10.81 -18.18 13.94
CA PRO A 148 -11.92 -18.86 13.26
C PRO A 148 -12.78 -17.89 12.47
N CYS A 149 -13.20 -18.31 11.29
CA CYS A 149 -14.11 -17.55 10.45
C CYS A 149 -15.28 -18.45 10.08
N ASN A 150 -16.49 -17.99 10.36
CA ASN A 150 -17.70 -18.80 10.24
C ASN A 150 -18.43 -18.43 8.96
N GLY A 151 -18.08 -19.09 7.85
CA GLY A 151 -18.78 -18.92 6.59
C GLY A 151 -18.79 -17.48 6.09
N VAL A 152 -17.65 -16.80 6.20
CA VAL A 152 -17.53 -15.41 5.79
C VAL A 152 -16.25 -15.27 4.96
N GLU A 153 -16.18 -14.19 4.19
CA GLU A 153 -15.01 -13.87 3.40
C GLU A 153 -14.35 -12.62 3.96
N GLY A 154 -13.02 -12.61 3.95
CA GLY A 154 -12.27 -11.49 4.49
C GLY A 154 -10.81 -11.84 4.59
N PHE A 155 -10.12 -11.11 5.46
CA PHE A 155 -8.69 -11.33 5.65
C PHE A 155 -8.43 -12.71 6.23
N ASN A 156 -7.37 -13.35 5.74
CA ASN A 156 -6.89 -14.67 6.13
C ASN A 156 -8.00 -15.72 6.19
N CYS A 157 -9.06 -15.53 5.41
CA CYS A 157 -10.15 -16.49 5.32
C CYS A 157 -10.72 -16.40 3.92
N TYR A 158 -10.43 -17.39 3.08
CA TYR A 158 -10.79 -17.34 1.67
C TYR A 158 -11.67 -18.52 1.26
N PHE A 159 -11.95 -18.62 -0.03
CA PHE A 159 -12.72 -19.66 -0.71
C PHE A 159 -11.79 -20.65 -1.39
N PRO A 160 -12.05 -21.95 -1.27
CA PRO A 160 -11.08 -22.93 -1.81
C PRO A 160 -11.11 -23.05 -3.31
N LEU A 161 -12.28 -23.10 -3.93
CA LEU A 161 -12.40 -23.34 -5.36
C LEU A 161 -12.29 -22.03 -6.14
N GLN A 162 -11.79 -22.13 -7.36
CA GLN A 162 -11.67 -20.99 -8.25
C GLN A 162 -12.05 -21.41 -9.66
N SER A 163 -12.53 -20.45 -10.45
CA SER A 163 -13.05 -20.73 -11.78
C SER A 163 -11.99 -20.47 -12.84
N TYR A 164 -12.02 -21.29 -13.89
CA TYR A 164 -11.12 -21.11 -15.01
C TYR A 164 -11.51 -19.88 -15.81
N GLY A 165 -10.54 -19.35 -16.56
CA GLY A 165 -10.75 -18.17 -17.37
C GLY A 165 -10.58 -18.42 -18.85
N PHE A 166 -11.10 -19.54 -19.34
CA PHE A 166 -10.97 -19.87 -20.76
C PHE A 166 -11.60 -18.78 -21.62
N GLN A 167 -10.87 -18.37 -22.65
CA GLN A 167 -11.32 -17.33 -23.55
C GLN A 167 -11.17 -17.82 -24.98
N PRO A 168 -12.05 -17.38 -25.89
CA PRO A 168 -12.00 -17.90 -27.27
C PRO A 168 -10.69 -17.62 -27.99
N THR A 169 -10.03 -16.50 -27.69
CA THR A 169 -8.80 -16.12 -28.38
C THR A 169 -7.71 -15.73 -27.40
N ASN A 170 -7.68 -16.39 -26.24
CA ASN A 170 -6.66 -16.09 -25.25
C ASN A 170 -5.27 -16.50 -25.72
N GLY A 171 -5.17 -17.53 -26.55
CA GLY A 171 -3.89 -17.99 -27.04
C GLY A 171 -3.71 -19.49 -26.90
N VAL A 172 -2.72 -20.05 -27.59
CA VAL A 172 -2.48 -21.48 -27.56
C VAL A 172 -1.97 -21.92 -26.18
N GLY A 173 -1.42 -21.01 -25.39
CA GLY A 173 -0.91 -21.38 -24.08
C GLY A 173 -2.00 -21.84 -23.13
N TYR A 174 -3.17 -21.19 -23.19
CA TYR A 174 -4.27 -21.46 -22.27
C TYR A 174 -5.51 -21.85 -23.06
N GLN A 175 -5.63 -23.13 -23.37
CA GLN A 175 -6.82 -23.68 -24.00
C GLN A 175 -7.23 -24.94 -23.28
N PRO A 176 -8.53 -25.24 -23.24
CA PRO A 176 -8.97 -26.44 -22.51
C PRO A 176 -8.62 -27.72 -23.25
N TYR A 177 -7.61 -28.44 -22.74
CA TYR A 177 -7.18 -29.71 -23.33
C TYR A 177 -7.80 -30.84 -22.51
N ARG A 178 -8.80 -31.49 -23.07
CA ARG A 178 -9.45 -32.59 -22.38
C ARG A 178 -8.50 -33.77 -22.25
N VAL A 179 -8.30 -34.23 -21.02
CA VAL A 179 -7.31 -35.25 -20.71
C VAL A 179 -8.02 -36.45 -20.10
N VAL A 180 -7.73 -37.63 -20.65
CA VAL A 180 -8.25 -38.89 -20.12
C VAL A 180 -7.06 -39.75 -19.75
N VAL A 181 -6.98 -40.17 -18.49
CA VAL A 181 -5.89 -41.00 -17.99
C VAL A 181 -6.46 -42.36 -17.60
N LEU A 182 -5.83 -43.42 -18.09
CA LEU A 182 -6.25 -44.78 -17.77
C LEU A 182 -5.43 -45.31 -16.61
N SER A 183 -5.59 -46.59 -16.31
CA SER A 183 -4.84 -47.27 -15.27
C SER A 183 -4.91 -48.77 -15.54
N PHE A 184 -4.47 -49.56 -14.57
CA PHE A 184 -4.50 -51.01 -14.70
C PHE A 184 -4.53 -51.63 -13.31
N GLU A 185 -4.85 -52.92 -13.29
CA GLU A 185 -4.88 -53.66 -12.04
C GLU A 185 -4.68 -55.14 -12.34
N LEU A 186 -4.01 -55.84 -11.45
CA LEU A 186 -3.76 -57.26 -11.62
C LEU A 186 -3.48 -57.87 -10.25
N LEU A 187 -4.38 -58.72 -9.78
CA LEU A 187 -4.25 -59.33 -8.46
C LEU A 187 -4.74 -60.77 -8.55
N HIS A 188 -4.99 -61.37 -7.39
CA HIS A 188 -5.38 -62.77 -7.32
C HIS A 188 -6.79 -62.97 -7.83
N ALA A 189 -7.00 -62.78 -9.13
CA ALA A 189 -8.31 -62.93 -9.73
C ALA A 189 -8.13 -63.21 -11.22
N PRO A 190 -8.90 -64.13 -11.80
CA PRO A 190 -8.81 -64.35 -13.25
C PRO A 190 -9.03 -63.08 -14.04
N ALA A 191 -8.04 -62.69 -14.83
CA ALA A 191 -8.15 -61.48 -15.63
C ALA A 191 -9.23 -61.64 -16.69
N THR A 192 -9.83 -60.51 -17.07
CA THR A 192 -10.92 -60.52 -18.03
C THR A 192 -10.68 -59.67 -19.25
N VAL A 193 -9.94 -58.58 -19.15
CA VAL A 193 -9.71 -57.69 -20.30
C VAL A 193 -8.47 -58.22 -21.00
N CYS A 194 -8.68 -59.26 -21.81
CA CYS A 194 -7.63 -59.86 -22.63
C CYS A 194 -8.04 -59.66 -24.09
N GLY A 195 -7.69 -58.52 -24.66
CA GLY A 195 -8.11 -58.19 -26.00
C GLY A 195 -7.01 -58.32 -27.02
N PRO A 196 -7.05 -59.37 -27.85
CA PRO A 196 -6.06 -59.59 -28.90
C PRO A 196 -6.37 -58.79 -30.16
N GLN B 1 17.43 -10.33 4.70
CA GLN B 1 16.23 -10.08 5.48
C GLN B 1 15.01 -9.87 4.58
N MET B 2 13.83 -9.88 5.19
CA MET B 2 12.56 -9.79 4.47
C MET B 2 12.05 -8.35 4.50
N GLN B 3 11.70 -7.84 3.33
CA GLN B 3 11.29 -6.44 3.20
C GLN B 3 10.39 -6.32 1.97
N LEU B 4 9.95 -5.09 1.70
CA LEU B 4 9.12 -4.78 0.55
C LEU B 4 9.70 -3.57 -0.17
N VAL B 5 9.67 -3.59 -1.49
CA VAL B 5 10.28 -2.57 -2.33
C VAL B 5 9.19 -1.92 -3.18
N GLN B 6 9.22 -0.59 -3.24
CA GLN B 6 8.25 0.18 -3.99
C GLN B 6 8.96 1.08 -4.99
N SER B 7 8.21 1.52 -6.00
CA SER B 7 8.79 2.30 -7.09
C SER B 7 9.13 3.71 -6.62
N GLY B 8 9.59 4.53 -7.55
CA GLY B 8 10.01 5.88 -7.25
C GLY B 8 8.94 6.92 -7.51
N PRO B 9 9.25 8.18 -7.23
CA PRO B 9 8.27 9.25 -7.42
C PRO B 9 7.98 9.50 -8.89
N GLU B 10 6.79 10.05 -9.15
CA GLU B 10 6.38 10.43 -10.49
C GLU B 10 5.73 11.82 -10.44
N VAL B 11 5.78 12.50 -11.57
CA VAL B 11 5.12 13.78 -11.76
C VAL B 11 4.25 13.68 -12.99
N LYS B 12 2.96 14.00 -12.85
CA LYS B 12 2.02 13.82 -13.94
C LYS B 12 1.23 15.09 -14.22
N LYS B 13 0.19 14.98 -15.04
CA LYS B 13 -0.67 16.09 -15.42
C LYS B 13 -2.12 15.70 -15.21
N PRO B 14 -3.02 16.68 -15.04
CA PRO B 14 -4.43 16.36 -14.86
C PRO B 14 -5.01 15.68 -16.10
N GLY B 15 -5.45 14.43 -15.92
CA GLY B 15 -6.10 13.70 -16.99
C GLY B 15 -5.27 12.56 -17.54
N THR B 16 -4.51 11.88 -16.69
CA THR B 16 -3.70 10.75 -17.10
C THR B 16 -3.81 9.66 -16.05
N SER B 17 -2.98 8.61 -16.20
CA SER B 17 -2.98 7.48 -15.29
C SER B 17 -1.57 7.28 -14.76
N VAL B 18 -1.46 6.42 -13.74
CA VAL B 18 -0.20 6.12 -13.08
C VAL B 18 -0.10 4.63 -12.83
N LYS B 19 1.08 4.20 -12.38
CA LYS B 19 1.31 2.80 -12.04
C LYS B 19 2.33 2.74 -10.91
N VAL B 20 2.02 1.96 -9.87
CA VAL B 20 2.87 1.80 -8.71
C VAL B 20 3.09 0.31 -8.48
N SER B 21 4.35 -0.08 -8.24
CA SER B 21 4.72 -1.47 -8.12
C SER B 21 5.16 -1.79 -6.70
N CYS B 22 4.68 -2.93 -6.18
CA CYS B 22 5.07 -3.46 -4.89
C CYS B 22 5.73 -4.81 -5.13
N LYS B 23 7.06 -4.81 -5.27
CA LYS B 23 7.80 -6.04 -5.54
C LYS B 23 8.12 -6.71 -4.20
N ALA B 24 7.26 -7.66 -3.82
CA ALA B 24 7.44 -8.36 -2.57
C ALA B 24 8.63 -9.31 -2.64
N SER B 25 9.29 -9.50 -1.49
CA SER B 25 10.45 -10.37 -1.42
C SER B 25 10.61 -10.86 0.00
N GLY B 26 11.34 -11.98 0.15
CA GLY B 26 11.67 -12.51 1.45
C GLY B 26 10.59 -13.33 2.13
N PHE B 27 9.46 -13.55 1.48
CA PHE B 27 8.39 -14.36 2.07
C PHE B 27 7.53 -14.91 0.95
N THR B 28 6.75 -15.94 1.28
CA THR B 28 5.89 -16.59 0.31
C THR B 28 4.79 -15.63 -0.12
N PHE B 29 4.93 -15.08 -1.32
CA PHE B 29 3.98 -14.08 -1.81
C PHE B 29 2.66 -14.69 -2.27
N THR B 30 2.63 -15.99 -2.54
CA THR B 30 1.44 -16.59 -3.14
C THR B 30 0.23 -16.48 -2.21
N SER B 31 0.41 -16.77 -0.94
CA SER B 31 -0.67 -16.72 0.04
C SER B 31 -0.51 -15.44 0.88
N SER B 32 -1.03 -14.34 0.35
CA SER B 32 -0.95 -13.04 1.01
C SER B 32 -1.91 -12.09 0.31
N ALA B 33 -1.92 -10.84 0.76
CA ALA B 33 -2.76 -9.81 0.18
C ALA B 33 -2.05 -8.47 0.34
N VAL B 34 -2.47 -7.49 -0.45
CA VAL B 34 -1.89 -6.16 -0.41
C VAL B 34 -2.99 -5.14 -0.22
N GLN B 35 -2.81 -4.25 0.75
CA GLN B 35 -3.73 -3.15 1.00
C GLN B 35 -3.10 -1.83 0.57
N TRP B 36 -3.91 -0.96 0.00
CA TRP B 36 -3.44 0.31 -0.54
C TRP B 36 -4.12 1.46 0.19
N VAL B 37 -3.32 2.35 0.77
CA VAL B 37 -3.83 3.52 1.45
C VAL B 37 -3.32 4.78 0.75
N ARG B 38 -3.73 5.95 1.24
CA ARG B 38 -3.35 7.21 0.60
C ARG B 38 -3.27 8.29 1.66
N GLN B 39 -2.06 8.73 1.95
CA GLN B 39 -1.84 9.79 2.93
C GLN B 39 -1.66 11.13 2.24
N ALA B 40 -2.22 12.17 2.85
CA ALA B 40 -2.08 13.53 2.38
C ALA B 40 -0.98 14.23 3.19
N ARG B 41 -0.84 15.54 2.97
CA ARG B 41 0.17 16.32 3.66
C ARG B 41 -0.32 16.63 5.08
N GLY B 42 0.08 15.81 6.03
CA GLY B 42 -0.29 16.02 7.42
C GLY B 42 -1.79 15.91 7.67
N GLN B 43 -2.42 14.89 7.11
CA GLN B 43 -3.86 14.67 7.28
C GLN B 43 -4.10 13.22 7.64
N ARG B 44 -5.37 12.87 7.78
CA ARG B 44 -5.75 11.51 8.18
C ARG B 44 -5.51 10.53 7.03
N LEU B 45 -5.42 9.25 7.39
CA LEU B 45 -5.22 8.20 6.41
C LEU B 45 -6.54 7.87 5.71
N GLU B 46 -6.42 7.26 4.54
CA GLU B 46 -7.58 6.85 3.76
C GLU B 46 -7.47 5.39 3.35
N TRP B 47 -8.38 4.93 2.50
CA TRP B 47 -8.34 3.56 2.00
C TRP B 47 -8.69 3.55 0.52
N ILE B 48 -8.14 2.59 -0.21
CA ILE B 48 -8.35 2.51 -1.65
C ILE B 48 -8.90 1.13 -2.03
N GLY B 49 -8.55 0.12 -1.24
CA GLY B 49 -9.02 -1.23 -1.50
C GLY B 49 -7.87 -2.22 -1.34
N TRP B 50 -8.13 -3.46 -1.76
CA TRP B 50 -7.15 -4.52 -1.60
C TRP B 50 -7.44 -5.63 -2.61
N ILE B 51 -6.42 -6.45 -2.84
CA ILE B 51 -6.55 -7.64 -3.68
C ILE B 51 -5.85 -8.80 -2.97
N VAL B 52 -6.29 -10.01 -3.26
CA VAL B 52 -5.65 -11.23 -2.78
C VAL B 52 -4.70 -11.72 -3.85
N VAL B 53 -3.46 -12.01 -3.46
CA VAL B 53 -2.48 -12.50 -4.43
C VAL B 53 -2.91 -13.84 -5.00
N GLY B 54 -3.73 -14.60 -4.26
CA GLY B 54 -4.32 -15.82 -4.78
C GLY B 54 -5.27 -15.62 -5.95
N SER B 55 -5.45 -14.39 -6.40
CA SER B 55 -6.19 -14.04 -7.61
C SER B 55 -7.69 -14.18 -7.43
N GLY B 56 -8.45 -13.24 -7.98
CA GLY B 56 -9.90 -13.34 -7.99
C GLY B 56 -10.60 -12.74 -6.80
N ASN B 57 -10.08 -11.63 -6.25
CA ASN B 57 -10.74 -10.99 -5.11
C ASN B 57 -10.32 -9.53 -5.11
N THR B 58 -11.25 -8.64 -5.44
CA THR B 58 -11.03 -7.20 -5.37
C THR B 58 -12.19 -6.56 -4.63
N ASN B 59 -11.89 -5.52 -3.87
CA ASN B 59 -12.90 -4.83 -3.06
C ASN B 59 -12.45 -3.39 -2.92
N TYR B 60 -13.14 -2.48 -3.62
CA TYR B 60 -12.78 -1.07 -3.63
C TYR B 60 -13.69 -0.28 -2.70
N ALA B 61 -13.25 0.93 -2.37
CA ALA B 61 -14.08 1.83 -1.59
C ALA B 61 -15.23 2.35 -2.44
N GLN B 62 -16.25 2.88 -1.75
CA GLN B 62 -17.44 3.36 -2.46
C GLN B 62 -17.11 4.54 -3.37
N LYS B 63 -16.37 5.52 -2.84
CA LYS B 63 -16.05 6.71 -3.62
C LYS B 63 -15.01 6.41 -4.71
N PHE B 64 -14.31 5.29 -4.61
CA PHE B 64 -13.31 4.90 -5.60
C PHE B 64 -13.73 3.63 -6.33
N GLN B 65 -15.03 3.46 -6.56
CA GLN B 65 -15.50 2.29 -7.31
C GLN B 65 -14.92 2.28 -8.72
N GLU B 66 -14.88 3.44 -9.36
CA GLU B 66 -14.28 3.60 -10.67
C GLU B 66 -12.87 4.17 -10.51
N ARG B 67 -12.23 4.51 -11.63
CA ARG B 67 -10.98 5.24 -11.71
C ARG B 67 -9.77 4.44 -11.21
N VAL B 68 -9.97 3.22 -10.72
CA VAL B 68 -8.86 2.45 -10.16
C VAL B 68 -9.08 0.98 -10.49
N THR B 69 -8.00 0.30 -10.88
CA THR B 69 -8.01 -1.14 -11.10
C THR B 69 -6.73 -1.71 -10.52
N ILE B 70 -6.86 -2.74 -9.69
CA ILE B 70 -5.72 -3.36 -9.02
C ILE B 70 -5.38 -4.63 -9.78
N THR B 71 -4.49 -4.51 -10.75
CA THR B 71 -3.92 -5.70 -11.37
C THR B 71 -2.91 -6.34 -10.42
N ARG B 72 -2.74 -7.66 -10.57
CA ARG B 72 -1.97 -8.43 -9.62
C ARG B 72 -0.65 -8.92 -10.18
N ASP B 73 -0.67 -9.67 -11.28
CA ASP B 73 0.51 -10.26 -11.90
C ASP B 73 1.11 -11.33 -10.99
N MET B 74 1.71 -12.36 -11.57
CA MET B 74 2.31 -13.42 -10.79
C MET B 74 3.68 -13.87 -11.28
N SER B 75 4.07 -13.55 -12.51
CA SER B 75 5.36 -14.02 -13.02
C SER B 75 6.53 -13.42 -12.25
N THR B 76 6.48 -12.12 -11.99
CA THR B 76 7.52 -11.42 -11.27
C THR B 76 7.21 -11.28 -9.78
N SER B 77 6.10 -11.84 -9.32
CA SER B 77 5.72 -11.82 -7.91
C SER B 77 5.63 -10.39 -7.36
N THR B 78 5.03 -9.50 -8.14
CA THR B 78 4.82 -8.11 -7.74
C THR B 78 3.32 -7.81 -7.67
N ALA B 79 3.01 -6.54 -7.44
CA ALA B 79 1.64 -6.06 -7.42
C ALA B 79 1.59 -4.68 -8.03
N TYR B 80 0.56 -4.41 -8.82
CA TYR B 80 0.41 -3.16 -9.54
C TYR B 80 -0.85 -2.43 -9.12
N MET B 81 -0.81 -1.11 -9.19
CA MET B 81 -1.95 -0.26 -8.90
C MET B 81 -2.05 0.78 -10.00
N GLU B 82 -3.25 1.01 -10.51
CA GLU B 82 -3.48 1.95 -11.60
C GLU B 82 -4.63 2.86 -11.22
N LEU B 83 -4.36 4.16 -11.15
CA LEU B 83 -5.38 5.17 -10.89
C LEU B 83 -5.46 6.08 -12.10
N SER B 84 -6.66 6.20 -12.67
CA SER B 84 -6.88 6.94 -13.91
C SER B 84 -7.63 8.24 -13.62
N SER B 85 -7.54 9.16 -14.59
CA SER B 85 -8.21 10.46 -14.52
C SER B 85 -7.78 11.21 -13.26
N LEU B 86 -6.47 11.42 -13.14
CA LEU B 86 -5.90 12.12 -12.00
C LEU B 86 -6.43 13.55 -11.95
N ARG B 87 -6.85 13.96 -10.76
CA ARG B 87 -7.38 15.31 -10.54
C ARG B 87 -6.52 16.03 -9.51
N SER B 88 -6.73 17.34 -9.41
CA SER B 88 -5.89 18.17 -8.56
C SER B 88 -5.99 17.80 -7.09
N GLU B 89 -7.10 17.19 -6.66
CA GLU B 89 -7.24 16.80 -5.26
C GLU B 89 -6.53 15.51 -4.93
N ASP B 90 -5.96 14.83 -5.91
CA ASP B 90 -5.30 13.54 -5.70
C ASP B 90 -3.82 13.66 -5.39
N THR B 91 -3.31 14.89 -5.25
CA THR B 91 -1.92 15.07 -4.85
C THR B 91 -1.70 14.55 -3.45
N ALA B 92 -1.01 13.42 -3.31
CA ALA B 92 -0.87 12.76 -2.02
C ALA B 92 0.31 11.82 -2.07
N VAL B 93 0.45 10.98 -1.04
CA VAL B 93 1.51 10.00 -0.92
C VAL B 93 0.87 8.62 -0.81
N TYR B 94 1.36 7.68 -1.61
CA TYR B 94 0.76 6.35 -1.72
C TYR B 94 1.64 5.32 -1.03
N TYR B 95 1.01 4.40 -0.32
CA TYR B 95 1.72 3.40 0.46
C TYR B 95 1.39 1.99 -0.04
N CYS B 96 1.90 0.99 0.68
CA CYS B 96 1.71 -0.41 0.35
C CYS B 96 1.70 -1.19 1.64
N ALA B 97 1.01 -2.33 1.64
CA ALA B 97 0.88 -3.14 2.84
C ALA B 97 0.75 -4.61 2.47
N ALA B 98 1.06 -5.47 3.44
CA ALA B 98 0.96 -6.91 3.26
C ALA B 98 1.19 -7.62 4.60
N PRO B 99 0.61 -8.81 4.80
CA PRO B 99 0.92 -9.59 5.99
C PRO B 99 2.09 -10.54 5.76
N ASN B 100 2.86 -10.75 6.82
CA ASN B 100 4.05 -11.60 6.78
C ASN B 100 3.63 -13.06 6.94
N CYS B 101 3.21 -13.64 5.83
CA CYS B 101 2.72 -15.03 5.81
C CYS B 101 3.81 -15.94 5.28
N SER B 102 4.00 -17.07 5.96
CA SER B 102 5.04 -18.04 5.61
C SER B 102 4.43 -19.43 5.56
N ASN B 103 3.98 -19.85 4.37
CA ASN B 103 3.50 -21.19 4.12
C ASN B 103 2.32 -21.57 5.00
N VAL B 104 2.60 -22.24 6.13
CA VAL B 104 1.55 -22.88 6.92
C VAL B 104 0.57 -21.86 7.48
N VAL B 105 1.08 -20.77 8.04
CA VAL B 105 0.26 -19.82 8.78
C VAL B 105 0.52 -18.41 8.26
N CYS B 106 -0.55 -17.62 8.14
CA CYS B 106 -0.45 -16.23 7.72
C CYS B 106 -0.59 -15.32 8.94
N TYR B 107 0.34 -14.38 9.07
CA TYR B 107 0.30 -13.44 10.18
C TYR B 107 -0.87 -12.48 10.00
N ASP B 108 -1.58 -12.21 11.09
CA ASP B 108 -2.87 -11.53 11.01
C ASP B 108 -2.76 -10.02 10.84
N GLY B 109 -1.56 -9.45 10.89
CA GLY B 109 -1.40 -8.02 10.84
C GLY B 109 -0.59 -7.58 9.63
N PHE B 110 -0.88 -6.36 9.16
CA PHE B 110 -0.13 -5.76 8.05
C PHE B 110 1.21 -5.26 8.58
N ASP B 111 2.10 -6.23 8.86
CA ASP B 111 3.37 -5.90 9.49
C ASP B 111 4.25 -5.09 8.55
N ILE B 112 4.43 -5.56 7.33
CA ILE B 112 5.37 -4.94 6.40
C ILE B 112 4.68 -3.85 5.61
N TRP B 113 5.41 -2.76 5.37
CA TRP B 113 4.88 -1.61 4.63
C TRP B 113 5.91 -1.15 3.63
N GLY B 114 5.42 -0.55 2.54
CA GLY B 114 6.31 -0.03 1.51
C GLY B 114 6.93 1.30 1.89
N GLN B 115 7.94 1.68 1.11
CA GLN B 115 8.62 2.95 1.36
C GLN B 115 7.72 4.14 1.04
N GLY B 116 6.78 3.97 0.12
CA GLY B 116 5.87 5.04 -0.22
C GLY B 116 6.33 5.89 -1.38
N THR B 117 5.54 5.90 -2.45
CA THR B 117 5.85 6.73 -3.61
C THR B 117 5.28 8.14 -3.38
N MET B 118 5.28 8.96 -4.42
CA MET B 118 4.72 10.30 -4.32
C MET B 118 4.32 10.76 -5.71
N VAL B 119 3.16 11.38 -5.81
CA VAL B 119 2.65 11.91 -7.07
C VAL B 119 2.24 13.35 -6.86
N THR B 120 2.39 14.16 -7.89
CA THR B 120 2.11 15.59 -7.81
C THR B 120 1.53 16.04 -9.15
N VAL B 121 0.23 16.29 -9.18
CA VAL B 121 -0.43 16.80 -10.38
C VAL B 121 -0.44 18.31 -10.32
N SER B 122 -0.06 18.95 -11.42
CA SER B 122 0.03 20.40 -11.47
C SER B 122 -0.06 20.87 -12.91
N SER B 123 0.16 22.16 -13.12
CA SER B 123 0.16 22.74 -14.46
C SER B 123 1.37 22.34 -15.28
N ALA B 124 2.37 21.70 -14.65
CA ALA B 124 3.57 21.22 -15.33
C ALA B 124 4.32 22.37 -16.03
N SER B 125 4.77 23.32 -15.20
CA SER B 125 5.58 24.45 -15.66
C SER B 125 6.79 24.53 -14.74
N THR B 126 7.84 23.79 -15.08
CA THR B 126 9.03 23.74 -14.24
C THR B 126 9.79 25.06 -14.29
N LYS B 127 10.21 25.54 -13.12
CA LYS B 127 10.94 26.79 -13.02
C LYS B 127 11.87 26.73 -11.82
N GLY B 128 13.02 27.37 -11.95
CA GLY B 128 13.98 27.46 -10.88
C GLY B 128 13.59 28.53 -9.86
N PRO B 129 14.06 28.37 -8.62
CA PRO B 129 13.71 29.32 -7.57
C PRO B 129 14.51 30.61 -7.68
N SER B 130 14.09 31.59 -6.88
CA SER B 130 14.81 32.85 -6.73
C SER B 130 14.97 33.14 -5.25
N VAL B 131 16.17 33.60 -4.87
CA VAL B 131 16.51 33.84 -3.47
C VAL B 131 16.41 35.33 -3.17
N PHE B 132 15.73 35.66 -2.08
CA PHE B 132 15.55 37.03 -1.62
C PHE B 132 16.20 37.20 -0.26
N PRO B 133 16.87 38.32 -0.01
CA PRO B 133 17.55 38.51 1.27
C PRO B 133 16.68 39.23 2.30
N LEU B 134 16.91 38.87 3.57
CA LEU B 134 16.26 39.52 4.70
C LEU B 134 17.33 39.84 5.74
N ALA B 135 17.42 41.11 6.14
CA ALA B 135 18.41 41.54 7.11
C ALA B 135 17.74 42.31 8.23
N PRO B 136 18.23 42.19 9.46
CA PRO B 136 17.61 42.88 10.59
C PRO B 136 18.11 44.31 10.70
N SER B 137 17.69 44.98 11.76
CA SER B 137 18.09 46.35 12.02
C SER B 137 18.21 46.61 13.52
N THR B 145 21.40 38.58 19.45
CA THR B 145 20.09 39.12 19.82
C THR B 145 19.30 39.57 18.59
N ALA B 146 19.66 39.02 17.43
CA ALA B 146 18.99 39.35 16.19
C ALA B 146 18.88 38.09 15.34
N ALA B 147 18.03 38.17 14.30
CA ALA B 147 17.81 37.04 13.42
C ALA B 147 17.75 37.52 11.97
N LEU B 148 18.12 36.64 11.05
CA LEU B 148 18.11 36.95 9.63
C LEU B 148 18.11 35.65 8.84
N GLY B 149 17.68 35.75 7.58
CA GLY B 149 17.66 34.58 6.72
C GLY B 149 17.34 34.99 5.29
N CYS B 150 17.49 34.03 4.39
CA CYS B 150 17.24 34.26 2.97
C CYS B 150 16.02 33.47 2.52
N LEU B 151 15.17 34.12 1.73
CA LEU B 151 13.88 33.56 1.33
C LEU B 151 13.98 32.89 -0.03
N VAL B 152 13.35 31.73 -0.15
CA VAL B 152 13.32 30.96 -1.39
C VAL B 152 11.90 30.98 -1.92
N LYS B 153 11.75 31.29 -3.21
CA LYS B 153 10.41 31.48 -3.77
C LYS B 153 10.40 31.03 -5.22
N ASP B 154 9.20 30.66 -5.69
CA ASP B 154 8.90 30.50 -7.11
C ASP B 154 9.62 29.31 -7.74
N TYR B 155 9.58 28.14 -7.11
CA TYR B 155 10.14 26.94 -7.71
C TYR B 155 9.06 25.90 -7.94
N PHE B 156 9.26 25.08 -8.97
CA PHE B 156 8.27 24.09 -9.38
C PHE B 156 8.02 23.08 -8.25
N PRO B 157 6.81 22.54 -8.15
CA PRO B 157 6.55 21.48 -7.16
C PRO B 157 7.53 20.32 -7.31
N GLU B 158 8.42 20.18 -6.34
CA GLU B 158 9.47 19.17 -6.33
C GLU B 158 10.25 19.30 -5.02
N PRO B 159 10.87 18.23 -4.53
CA PRO B 159 11.68 18.35 -3.32
C PRO B 159 12.85 19.30 -3.51
N VAL B 160 13.14 20.08 -2.47
CA VAL B 160 14.22 21.05 -2.50
C VAL B 160 14.98 20.94 -1.18
N THR B 161 16.25 21.33 -1.22
CA THR B 161 17.12 21.29 -0.05
C THR B 161 17.72 22.66 0.20
N VAL B 162 18.02 22.94 1.47
CA VAL B 162 18.71 24.16 1.87
C VAL B 162 19.91 23.77 2.71
N SER B 163 20.93 24.62 2.71
CA SER B 163 22.15 24.35 3.44
C SER B 163 22.80 25.65 3.84
N TRP B 164 24.01 25.55 4.39
CA TRP B 164 24.81 26.72 4.74
C TRP B 164 26.27 26.46 4.39
N ASN B 165 26.50 25.87 3.21
CA ASN B 165 27.82 25.47 2.71
C ASN B 165 28.39 24.32 3.53
N SER B 166 27.68 23.91 4.58
CA SER B 166 28.17 22.83 5.44
C SER B 166 27.12 21.81 5.84
N GLY B 167 25.82 22.11 5.67
CA GLY B 167 24.81 21.26 6.28
C GLY B 167 24.94 21.23 7.79
N ALA B 168 25.30 22.35 8.39
CA ALA B 168 25.68 22.42 9.79
C ALA B 168 25.42 23.85 10.28
N LEU B 169 26.06 24.21 11.39
CA LEU B 169 25.92 25.53 12.00
C LEU B 169 24.50 25.73 12.52
N THR B 170 24.04 24.76 13.31
CA THR B 170 22.66 24.75 13.82
C THR B 170 22.54 25.57 15.11
N SER B 171 22.84 26.86 14.97
CA SER B 171 22.73 27.81 16.06
C SER B 171 21.34 28.45 16.14
N GLY B 172 20.32 27.76 15.65
CA GLY B 172 18.98 28.33 15.59
C GLY B 172 18.42 28.26 14.18
N VAL B 173 18.97 27.36 13.36
CA VAL B 173 18.50 27.21 11.99
C VAL B 173 17.10 26.61 12.01
N HIS B 174 16.18 27.25 11.28
CA HIS B 174 14.81 26.79 11.17
C HIS B 174 14.41 26.77 9.70
N THR B 175 14.09 25.58 9.20
CA THR B 175 13.62 25.40 7.83
C THR B 175 12.12 25.14 7.87
N PHE B 176 11.38 25.89 7.09
CA PHE B 176 9.94 25.75 7.24
C PHE B 176 9.36 24.90 6.11
N PRO B 177 8.24 24.22 6.35
CA PRO B 177 7.67 23.36 5.31
C PRO B 177 7.25 24.14 4.07
N ALA B 178 7.32 23.47 2.93
CA ALA B 178 6.96 24.10 1.66
C ALA B 178 5.49 24.48 1.66
N VAL B 179 5.18 25.62 1.02
CA VAL B 179 3.83 26.16 0.97
C VAL B 179 3.44 26.32 -0.49
N LEU B 180 2.24 25.86 -0.84
CA LEU B 180 1.72 25.94 -2.19
C LEU B 180 0.95 27.26 -2.33
N GLN B 181 1.40 28.13 -3.22
CA GLN B 181 0.76 29.43 -3.42
C GLN B 181 -0.44 29.28 -4.35
N SER B 182 -0.98 30.42 -4.78
CA SER B 182 -2.16 30.41 -5.64
C SER B 182 -1.86 29.80 -7.00
N SER B 183 -0.69 30.08 -7.56
CA SER B 183 -0.37 29.69 -8.92
C SER B 183 0.15 28.27 -9.03
N GLY B 184 0.18 27.52 -7.92
CA GLY B 184 0.71 26.17 -7.96
C GLY B 184 2.20 26.07 -7.83
N LEU B 185 2.89 27.16 -7.51
CA LEU B 185 4.33 27.17 -7.30
C LEU B 185 4.65 27.13 -5.82
N TYR B 186 5.68 26.37 -5.46
CA TYR B 186 6.05 26.16 -4.06
C TYR B 186 6.89 27.31 -3.53
N SER B 187 6.95 27.41 -2.21
CA SER B 187 7.76 28.43 -1.55
C SER B 187 8.01 28.00 -0.11
N LEU B 188 9.07 28.57 0.47
CA LEU B 188 9.43 28.32 1.86
C LEU B 188 10.41 29.40 2.29
N SER B 189 10.92 29.28 3.51
CA SER B 189 11.87 30.25 4.05
C SER B 189 12.71 29.59 5.12
N SER B 190 13.83 30.24 5.46
CA SER B 190 14.72 29.74 6.49
C SER B 190 15.44 30.92 7.13
N VAL B 191 15.36 31.01 8.46
CA VAL B 191 15.98 32.09 9.23
C VAL B 191 16.72 31.48 10.41
N VAL B 192 17.94 31.93 10.63
CA VAL B 192 18.74 31.53 11.79
C VAL B 192 19.18 32.81 12.51
N THR B 193 19.02 32.82 13.82
CA THR B 193 19.39 33.99 14.61
C THR B 193 20.91 34.10 14.73
N VAL B 194 21.41 35.34 14.74
CA VAL B 194 22.83 35.59 14.90
C VAL B 194 23.22 35.33 16.35
N PRO B 195 24.48 35.01 16.64
CA PRO B 195 24.87 34.74 18.04
C PRO B 195 24.58 35.89 18.98
N SER B 196 25.15 37.06 18.70
CA SER B 196 25.03 38.20 19.61
C SER B 196 25.28 39.48 18.81
N SER B 197 25.49 40.58 19.54
CA SER B 197 25.69 41.89 18.92
C SER B 197 27.13 42.02 18.39
N SER B 198 27.50 41.08 17.54
CA SER B 198 28.78 41.07 16.84
C SER B 198 28.57 40.71 15.38
N LEU B 199 27.50 41.24 14.78
CA LEU B 199 27.14 40.94 13.40
C LEU B 199 27.77 41.90 12.40
N GLY B 200 28.48 42.93 12.88
CA GLY B 200 29.15 43.84 11.96
C GLY B 200 30.40 43.26 11.32
N THR B 201 30.88 42.13 11.81
CA THR B 201 32.07 41.49 11.26
C THR B 201 31.78 40.01 11.11
N GLN B 202 32.79 39.19 10.82
CA GLN B 202 32.67 37.75 10.64
C GLN B 202 31.84 37.50 9.38
N THR B 203 31.47 36.25 9.10
CA THR B 203 30.90 35.87 7.81
C THR B 203 29.46 35.40 7.98
N TYR B 204 28.56 35.98 7.19
CA TYR B 204 27.17 35.53 7.08
C TYR B 204 26.84 35.30 5.61
N ILE B 205 26.60 34.04 5.24
CA ILE B 205 26.23 33.66 3.89
C ILE B 205 25.10 32.64 3.99
N CYS B 206 24.18 32.67 3.02
CA CYS B 206 22.98 31.83 3.09
C CYS B 206 22.89 30.96 1.83
N ASN B 207 23.98 30.27 1.51
CA ASN B 207 24.05 29.47 0.28
C ASN B 207 22.94 28.44 0.24
N VAL B 208 22.38 28.24 -0.96
CA VAL B 208 21.25 27.34 -1.18
C VAL B 208 21.62 26.37 -2.29
N ASN B 209 21.15 25.12 -2.17
CA ASN B 209 21.47 24.08 -3.13
C ASN B 209 20.19 23.51 -3.74
N HIS B 210 20.34 22.93 -4.94
CA HIS B 210 19.24 22.32 -5.66
C HIS B 210 19.82 21.27 -6.59
N LYS B 211 18.98 20.34 -7.02
CA LYS B 211 19.50 19.24 -7.83
C LYS B 211 18.59 18.77 -8.96
N PRO B 212 17.25 18.76 -8.84
CA PRO B 212 16.43 18.22 -9.93
C PRO B 212 16.53 19.01 -11.22
N SER B 213 16.96 20.26 -11.16
CA SER B 213 17.21 21.08 -12.34
C SER B 213 18.66 21.55 -12.31
N ASN B 214 19.00 22.46 -13.23
CA ASN B 214 20.34 23.03 -13.27
C ASN B 214 20.33 24.41 -12.62
N THR B 215 20.11 24.41 -11.31
CA THR B 215 20.05 25.65 -10.53
C THR B 215 20.85 25.44 -9.24
N LYS B 216 21.89 26.26 -9.06
CA LYS B 216 22.70 26.26 -7.85
C LYS B 216 22.99 27.72 -7.52
N VAL B 217 22.12 28.33 -6.72
CA VAL B 217 22.15 29.77 -6.50
C VAL B 217 22.73 30.07 -5.13
N ASP B 218 23.31 31.26 -5.00
CA ASP B 218 23.91 31.70 -3.75
C ASP B 218 23.64 33.19 -3.57
N LYS B 219 23.66 33.65 -2.32
CA LYS B 219 23.40 35.05 -2.02
C LYS B 219 23.96 35.39 -0.65
N LYS B 220 24.67 36.50 -0.55
CA LYS B 220 25.12 37.03 0.72
C LYS B 220 24.01 37.84 1.37
N VAL B 221 24.07 37.96 2.70
CA VAL B 221 23.11 38.72 3.47
C VAL B 221 23.87 39.76 4.28
N GLU B 222 23.49 41.02 4.13
CA GLU B 222 24.12 42.13 4.83
C GLU B 222 23.05 43.09 5.33
N PRO B 223 23.28 43.77 6.46
CA PRO B 223 22.27 44.69 7.02
C PRO B 223 22.07 45.93 6.17
N GLU C 1 -23.45 5.23 11.17
CA GLU C 1 -22.48 5.01 10.10
C GLU C 1 -21.25 4.27 10.65
N ILE C 2 -20.26 4.07 9.79
CA ILE C 2 -19.03 3.38 10.14
C ILE C 2 -17.93 4.43 10.27
N VAL C 3 -17.66 4.84 11.51
CA VAL C 3 -16.68 5.88 11.80
C VAL C 3 -15.75 5.39 12.89
N LEU C 4 -14.60 6.05 13.01
CA LEU C 4 -13.57 5.69 13.98
C LEU C 4 -13.06 6.93 14.70
N THR C 5 -13.98 7.77 15.17
CA THR C 5 -13.59 8.97 15.90
C THR C 5 -12.88 8.60 17.20
N GLN C 6 -11.94 9.45 17.60
CA GLN C 6 -11.15 9.24 18.79
C GLN C 6 -11.37 10.39 19.77
N SER C 7 -11.57 10.05 21.04
CA SER C 7 -11.89 11.06 22.05
C SER C 7 -10.79 12.10 22.25
N PRO C 8 -9.51 11.76 22.40
CA PRO C 8 -8.53 12.78 22.79
C PRO C 8 -8.06 13.58 21.58
N GLY C 9 -8.04 14.90 21.72
CA GLY C 9 -7.52 15.75 20.68
C GLY C 9 -6.01 15.71 20.62
N THR C 10 -5.36 16.22 21.67
CA THR C 10 -3.91 16.17 21.79
C THR C 10 -3.55 15.86 23.24
N LEU C 11 -2.37 15.29 23.42
CA LEU C 11 -1.84 14.96 24.74
C LEU C 11 -0.50 15.67 24.92
N SER C 12 -0.26 16.15 26.14
CA SER C 12 0.98 16.88 26.44
C SER C 12 1.37 16.58 27.87
N LEU C 13 2.27 15.61 28.05
CA LEU C 13 2.80 15.28 29.36
C LEU C 13 4.25 14.85 29.24
N SER C 14 5.03 15.18 30.27
CA SER C 14 6.45 14.85 30.30
C SER C 14 6.64 13.34 30.42
N PRO C 15 7.84 12.83 30.07
CA PRO C 15 8.09 11.39 30.18
C PRO C 15 7.66 10.79 31.51
N GLY C 16 6.75 9.81 31.43
CA GLY C 16 6.13 9.23 32.61
C GLY C 16 4.67 9.61 32.69
N GLU C 17 3.80 8.70 32.24
CA GLU C 17 2.39 9.02 32.06
C GLU C 17 1.61 7.73 31.83
N ARG C 18 0.38 7.70 32.33
CA ARG C 18 -0.50 6.56 32.06
C ARG C 18 -0.82 6.45 30.57
N ALA C 19 -1.05 7.58 29.91
CA ALA C 19 -1.22 7.66 28.45
C ALA C 19 -2.39 6.78 27.99
N THR C 20 -3.58 7.17 28.43
CA THR C 20 -4.81 6.47 28.07
C THR C 20 -5.37 7.06 26.78
N LEU C 21 -5.53 6.23 25.77
CA LEU C 21 -6.06 6.63 24.47
C LEU C 21 -7.34 5.86 24.19
N SER C 22 -8.38 6.58 23.79
CA SER C 22 -9.69 6.01 23.52
C SER C 22 -10.02 6.12 22.03
N CYS C 23 -10.67 5.09 21.50
CA CYS C 23 -10.96 4.96 20.08
C CYS C 23 -12.40 4.55 19.86
N ARG C 24 -13.32 5.24 20.52
CA ARG C 24 -14.75 4.91 20.47
C ARG C 24 -15.25 4.79 19.04
N ALA C 25 -15.64 3.57 18.64
CA ALA C 25 -16.22 3.35 17.33
C ALA C 25 -17.73 3.59 17.41
N SER C 26 -18.41 3.34 16.30
CA SER C 26 -19.86 3.49 16.25
C SER C 26 -20.58 2.18 15.98
N GLN C 27 -20.21 1.48 14.92
CA GLN C 27 -20.89 0.24 14.55
C GLN C 27 -20.24 -0.94 15.24
N SER C 28 -21.07 -1.97 15.50
CA SER C 28 -20.60 -3.15 16.21
C SER C 28 -19.61 -3.91 15.34
N VAL C 29 -18.37 -4.03 15.82
CA VAL C 29 -17.32 -4.80 15.15
C VAL C 29 -16.82 -5.85 16.11
N SER C 30 -16.72 -7.09 15.63
CA SER C 30 -16.20 -8.17 16.45
C SER C 30 -14.73 -7.92 16.77
N SER C 31 -14.36 -8.05 18.04
CA SER C 31 -13.00 -7.73 18.48
C SER C 31 -12.02 -8.83 18.04
N SER C 32 -11.94 -8.99 16.72
CA SER C 32 -11.05 -9.96 16.13
C SER C 32 -10.19 -9.32 15.04
N TYR C 33 -10.75 -8.31 14.38
CA TYR C 33 -10.06 -7.61 13.30
C TYR C 33 -9.96 -6.14 13.68
N LEU C 34 -8.89 -5.78 14.37
CA LEU C 34 -8.60 -4.40 14.71
C LEU C 34 -7.13 -4.26 15.02
N ALA C 35 -6.54 -3.13 14.63
CA ALA C 35 -5.12 -2.91 14.80
C ALA C 35 -4.85 -1.45 15.15
N TRP C 36 -3.69 -1.20 15.74
CA TRP C 36 -3.23 0.14 16.06
C TRP C 36 -1.92 0.41 15.33
N TYR C 37 -1.81 1.61 14.76
CA TYR C 37 -0.64 1.99 13.98
C TYR C 37 -0.02 3.26 14.55
N GLN C 38 1.30 3.31 14.54
CA GLN C 38 2.06 4.49 14.95
C GLN C 38 2.86 4.99 13.75
N GLN C 39 2.77 6.29 13.49
CA GLN C 39 3.46 6.92 12.36
C GLN C 39 4.33 8.06 12.88
N LYS C 40 5.61 7.79 13.04
CA LYS C 40 6.55 8.87 13.33
C LYS C 40 6.63 9.76 12.09
N PRO C 41 6.38 11.06 12.22
CA PRO C 41 6.42 11.93 11.04
C PRO C 41 7.76 11.85 10.32
N GLY C 42 7.68 11.73 9.00
CA GLY C 42 8.85 11.59 8.16
C GLY C 42 9.14 10.18 7.69
N GLN C 43 8.28 9.22 8.00
CA GLN C 43 8.48 7.84 7.54
C GLN C 43 7.14 7.14 7.50
N ALA C 44 7.17 5.85 7.15
CA ALA C 44 6.00 5.02 7.01
C ALA C 44 5.49 4.59 8.39
N PRO C 45 4.19 4.30 8.51
CA PRO C 45 3.66 3.82 9.79
C PRO C 45 4.16 2.43 10.13
N ARG C 46 4.01 2.07 11.41
CA ARG C 46 4.39 0.76 11.91
C ARG C 46 3.22 0.15 12.66
N LEU C 47 3.13 -1.18 12.62
CA LEU C 47 2.10 -1.89 13.37
C LEU C 47 2.57 -2.11 14.80
N LEU C 48 1.66 -1.87 15.75
CA LEU C 48 1.95 -2.01 17.17
C LEU C 48 1.16 -3.13 17.82
N ILE C 49 -0.17 -3.08 17.75
CA ILE C 49 -1.04 -4.08 18.34
C ILE C 49 -2.05 -4.51 17.29
N TYR C 50 -2.21 -5.82 17.13
CA TYR C 50 -3.18 -6.38 16.20
C TYR C 50 -4.12 -7.31 16.96
N SER C 51 -5.31 -7.49 16.40
CA SER C 51 -6.34 -8.34 16.98
C SER C 51 -6.66 -7.91 18.41
N ALA C 52 -6.77 -6.60 18.62
CA ALA C 52 -7.21 -6.03 19.88
C ALA C 52 -6.27 -6.34 21.04
N SER C 53 -6.24 -7.59 21.48
CA SER C 53 -5.48 -8.00 22.65
C SER C 53 -4.37 -8.96 22.23
N SER C 54 -3.25 -8.38 21.81
CA SER C 54 -2.05 -9.13 21.43
C SER C 54 -0.91 -8.13 21.31
N ARG C 55 0.21 -8.59 20.75
CA ARG C 55 1.37 -7.72 20.53
C ARG C 55 1.98 -8.04 19.18
N ALA C 56 2.80 -7.12 18.68
CA ALA C 56 3.47 -7.29 17.41
C ALA C 56 4.67 -8.21 17.59
N THR C 57 5.55 -8.25 16.58
CA THR C 57 6.74 -9.10 16.68
C THR C 57 7.62 -8.65 17.84
N GLY C 58 7.81 -7.35 18.00
CA GLY C 58 8.56 -6.84 19.13
C GLY C 58 8.20 -5.40 19.45
N ILE C 59 7.87 -5.12 20.71
CA ILE C 59 7.48 -3.79 21.13
C ILE C 59 8.03 -3.51 22.52
N PRO C 60 8.61 -2.33 22.76
CA PRO C 60 9.07 -2.00 24.11
C PRO C 60 7.99 -1.33 24.94
N ASP C 61 8.28 -1.07 26.21
CA ASP C 61 7.42 -0.39 27.19
C ASP C 61 6.17 -1.19 27.53
N ARG C 62 5.98 -2.38 26.97
CA ARG C 62 4.82 -3.24 27.20
C ARG C 62 3.51 -2.48 26.92
N PHE C 63 3.34 -2.15 25.64
CA PHE C 63 2.10 -1.56 25.18
C PHE C 63 0.94 -2.50 25.48
N SER C 64 -0.13 -1.98 26.07
CA SER C 64 -1.26 -2.79 26.47
C SER C 64 -2.56 -2.08 26.12
N GLY C 65 -3.57 -2.88 25.77
CA GLY C 65 -4.88 -2.36 25.44
C GLY C 65 -5.85 -3.43 24.97
N SER C 66 -7.08 -3.37 25.48
CA SER C 66 -8.10 -4.35 25.11
C SER C 66 -9.46 -3.68 25.25
N GLY C 67 -10.44 -4.23 24.56
CA GLY C 67 -11.75 -3.63 24.52
C GLY C 67 -12.88 -4.61 24.27
N SER C 68 -13.92 -4.11 23.62
CA SER C 68 -15.16 -4.87 23.43
C SER C 68 -15.67 -4.61 22.02
N GLY C 69 -16.95 -4.93 21.78
CA GLY C 69 -17.49 -4.84 20.43
C GLY C 69 -17.53 -3.42 19.89
N THR C 70 -17.89 -2.45 20.74
CA THR C 70 -18.04 -1.07 20.30
C THR C 70 -17.18 -0.12 21.12
N ASP C 71 -16.07 -0.61 21.67
CA ASP C 71 -15.20 0.23 22.48
C ASP C 71 -13.83 -0.41 22.58
N PHE C 72 -12.79 0.39 22.32
CA PHE C 72 -11.41 -0.07 22.45
C PHE C 72 -10.59 1.02 23.12
N THR C 73 -9.46 0.63 23.69
CA THR C 73 -8.56 1.58 24.33
C THR C 73 -7.14 1.06 24.30
N LEU C 74 -6.20 2.00 24.30
CA LEU C 74 -4.77 1.69 24.36
C LEU C 74 -4.13 2.58 25.43
N THR C 75 -3.27 1.98 26.25
CA THR C 75 -2.56 2.71 27.28
C THR C 75 -1.08 2.39 27.22
N ILE C 76 -0.26 3.39 27.58
CA ILE C 76 1.20 3.27 27.54
C ILE C 76 1.70 3.65 28.92
N SER C 77 2.01 2.65 29.74
CA SER C 77 2.52 2.92 31.08
C SER C 77 3.97 3.38 31.00
N ARG C 78 4.29 4.46 31.72
CA ARG C 78 5.63 5.04 31.76
C ARG C 78 6.13 5.35 30.35
N LEU C 79 5.44 6.31 29.74
CA LEU C 79 5.73 6.71 28.36
C LEU C 79 7.19 7.08 28.19
N GLU C 80 7.91 6.30 27.40
CA GLU C 80 9.34 6.52 27.19
C GLU C 80 9.56 7.81 26.40
N PRO C 81 10.62 8.56 26.71
CA PRO C 81 10.85 9.82 25.98
C PRO C 81 11.02 9.66 24.49
N GLU C 82 11.52 8.51 24.02
CA GLU C 82 11.70 8.32 22.59
C GLU C 82 10.36 8.27 21.86
N ASP C 83 9.35 7.69 22.48
CA ASP C 83 8.06 7.44 21.82
C ASP C 83 7.21 8.70 21.87
N PHE C 84 7.12 9.41 20.74
CA PHE C 84 6.29 10.60 20.64
C PHE C 84 5.93 10.77 19.17
N ALA C 85 4.72 10.37 18.80
CA ALA C 85 4.30 10.40 17.40
C ALA C 85 2.78 10.30 17.34
N VAL C 86 2.25 10.09 16.15
CA VAL C 86 0.82 10.01 15.89
C VAL C 86 0.39 8.55 15.89
N TYR C 87 -0.74 8.27 16.51
CA TYR C 87 -1.28 6.91 16.60
C TYR C 87 -2.61 6.84 15.88
N PHE C 88 -2.77 5.83 15.03
CA PHE C 88 -3.95 5.68 14.19
C PHE C 88 -4.64 4.36 14.48
N CYS C 89 -5.96 4.41 14.64
CA CYS C 89 -6.75 3.18 14.71
C CYS C 89 -6.97 2.62 13.32
N GLN C 90 -7.48 1.39 13.27
CA GLN C 90 -7.87 0.77 12.01
C GLN C 90 -8.69 -0.47 12.30
N GLN C 91 -9.76 -0.66 11.53
CA GLN C 91 -10.59 -1.85 11.61
C GLN C 91 -10.75 -2.44 10.22
N TYR C 92 -10.66 -3.77 10.14
CA TYR C 92 -10.79 -4.46 8.86
C TYR C 92 -11.71 -5.67 8.98
N GLY C 93 -12.66 -5.61 9.92
CA GLY C 93 -13.64 -6.68 10.03
C GLY C 93 -14.56 -6.75 8.83
N THR C 94 -15.04 -5.60 8.37
CA THR C 94 -15.95 -5.53 7.24
C THR C 94 -15.65 -4.30 6.40
N SER C 95 -15.95 -4.40 5.11
CA SER C 95 -15.73 -3.28 4.21
C SER C 95 -16.76 -2.19 4.46
N PRO C 96 -16.38 -0.91 4.31
CA PRO C 96 -15.01 -0.45 4.03
C PRO C 96 -14.14 -0.43 5.28
N TRP C 97 -12.83 -0.60 5.09
CA TRP C 97 -11.88 -0.60 6.21
C TRP C 97 -11.47 0.83 6.54
N THR C 98 -12.42 1.55 7.13
CA THR C 98 -12.20 2.95 7.44
C THR C 98 -11.14 3.10 8.53
N PHE C 99 -10.26 4.09 8.36
CA PHE C 99 -9.21 4.37 9.32
C PHE C 99 -9.76 5.31 10.40
N GLY C 100 -8.85 5.88 11.21
CA GLY C 100 -9.24 6.76 12.29
C GLY C 100 -8.64 8.15 12.13
N GLN C 101 -9.12 9.07 12.96
CA GLN C 101 -8.66 10.45 12.91
C GLN C 101 -7.20 10.56 13.34
N GLY C 102 -6.85 9.97 14.47
CA GLY C 102 -5.50 10.03 14.97
C GLY C 102 -5.32 11.10 16.04
N THR C 103 -4.37 10.86 16.94
CA THR C 103 -4.06 11.77 18.03
C THR C 103 -2.58 12.12 18.00
N LYS C 104 -2.20 13.13 18.77
CA LYS C 104 -0.83 13.60 18.81
C LYS C 104 -0.38 13.75 20.25
N VAL C 105 0.91 13.52 20.48
CA VAL C 105 1.49 13.60 21.81
C VAL C 105 2.68 14.55 21.77
N GLU C 106 3.02 15.12 22.93
CA GLU C 106 4.03 16.15 23.03
C GLU C 106 4.45 16.26 24.50
N ILE C 107 5.53 17.01 24.77
CA ILE C 107 6.02 17.25 26.12
C ILE C 107 5.61 18.65 26.53
N LYS C 108 5.73 18.91 27.84
CA LYS C 108 5.35 20.20 28.42
C LYS C 108 6.61 20.91 28.92
N ARG C 109 6.70 22.21 28.66
CA ARG C 109 7.89 22.99 28.97
C ARG C 109 7.52 24.30 29.67
N THR C 110 6.65 24.20 30.69
CA THR C 110 6.31 25.29 31.62
C THR C 110 6.05 26.63 30.91
N VAL C 111 5.48 26.56 29.70
CA VAL C 111 4.99 27.69 28.90
C VAL C 111 5.83 28.96 29.02
N ALA C 112 6.73 29.17 28.07
CA ALA C 112 7.52 30.39 27.99
C ALA C 112 6.99 31.31 26.91
N ALA C 113 7.29 32.60 27.06
CA ALA C 113 6.80 33.62 26.14
C ALA C 113 7.58 33.61 24.83
N PRO C 114 6.96 34.01 23.73
CA PRO C 114 7.66 34.07 22.45
C PRO C 114 8.28 35.45 22.20
N SER C 115 9.03 35.53 21.12
CA SER C 115 9.68 36.76 20.68
C SER C 115 9.19 37.12 19.28
N VAL C 116 8.92 38.40 19.06
CA VAL C 116 8.34 38.88 17.81
C VAL C 116 9.22 39.96 17.21
N PHE C 117 9.45 39.87 15.90
CA PHE C 117 10.18 40.87 15.13
C PHE C 117 9.87 40.65 13.65
N ILE C 118 9.92 41.73 12.88
CA ILE C 118 9.48 41.72 11.49
C ILE C 118 10.67 42.01 10.57
N PHE C 119 10.55 41.52 9.34
CA PHE C 119 11.54 41.78 8.29
C PHE C 119 10.90 42.61 7.20
N PRO C 120 11.32 43.87 7.01
CA PRO C 120 10.76 44.69 5.92
C PRO C 120 11.24 44.18 4.57
N PRO C 121 10.50 44.46 3.50
CA PRO C 121 10.96 44.06 2.17
C PRO C 121 12.22 44.81 1.78
N SER C 122 13.04 44.16 0.96
CA SER C 122 14.35 44.68 0.60
C SER C 122 14.32 45.34 -0.76
N ASP C 123 15.46 45.93 -1.15
CA ASP C 123 15.60 46.58 -2.44
C ASP C 123 15.47 45.60 -3.59
N GLU C 124 15.59 44.30 -3.33
CA GLU C 124 15.48 43.32 -4.39
C GLU C 124 14.04 43.12 -4.87
N GLN C 125 13.06 43.62 -4.11
CA GLN C 125 11.67 43.34 -4.43
C GLN C 125 11.00 44.39 -5.30
N LEU C 126 11.45 45.64 -5.27
CA LEU C 126 10.76 46.69 -6.01
C LEU C 126 11.00 46.62 -7.51
N LYS C 127 11.94 45.79 -7.97
CA LYS C 127 12.10 45.54 -9.40
C LYS C 127 11.77 44.10 -9.78
N SER C 128 11.38 43.27 -8.82
CA SER C 128 10.91 41.92 -9.11
C SER C 128 9.39 41.95 -9.29
N GLY C 129 8.77 40.78 -9.32
CA GLY C 129 7.34 40.68 -9.54
C GLY C 129 6.50 41.22 -8.42
N THR C 130 6.54 40.56 -7.26
CA THR C 130 5.71 40.93 -6.11
C THR C 130 6.59 41.12 -4.89
N ALA C 131 6.28 42.16 -4.11
CA ALA C 131 7.03 42.48 -2.89
C ALA C 131 6.27 41.94 -1.69
N SER C 132 6.89 41.03 -0.94
CA SER C 132 6.27 40.41 0.22
C SER C 132 6.95 40.87 1.50
N VAL C 133 6.20 40.77 2.60
CA VAL C 133 6.67 41.11 3.93
C VAL C 133 6.39 39.94 4.85
N VAL C 134 7.34 39.64 5.74
CA VAL C 134 7.26 38.46 6.60
C VAL C 134 7.45 38.86 8.05
N CYS C 135 6.71 38.20 8.93
CA CYS C 135 6.90 38.29 10.37
C CYS C 135 7.36 36.94 10.90
N LEU C 136 8.07 36.95 12.03
CA LEU C 136 8.61 35.73 12.61
C LEU C 136 8.24 35.64 14.08
N LEU C 137 7.75 34.47 14.47
CA LEU C 137 7.45 34.14 15.86
C LEU C 137 8.30 32.95 16.27
N ASN C 138 9.01 33.07 17.38
CA ASN C 138 9.97 32.06 17.79
C ASN C 138 9.84 31.76 19.27
N ASN C 139 10.13 30.51 19.63
CA ASN C 139 10.29 30.06 21.02
C ASN C 139 9.01 30.28 21.83
N PHE C 140 7.97 29.55 21.43
CA PHE C 140 6.74 29.46 22.22
C PHE C 140 6.31 28.00 22.28
N TYR C 141 5.87 27.56 23.46
CA TYR C 141 5.39 26.20 23.59
C TYR C 141 3.96 26.03 23.06
N PRO C 142 2.97 26.80 23.54
CA PRO C 142 1.59 26.49 23.19
C PRO C 142 1.27 26.74 21.71
N ARG C 143 0.32 25.97 21.20
CA ARG C 143 -0.17 26.18 19.85
C ARG C 143 -1.00 27.44 19.74
N GLU C 144 -1.57 27.91 20.84
CA GLU C 144 -2.47 29.05 20.81
C GLU C 144 -1.68 30.29 20.43
N ALA C 145 -1.81 30.71 19.17
CA ALA C 145 -1.09 31.87 18.67
C ALA C 145 -1.87 32.44 17.49
N LYS C 146 -2.46 33.61 17.69
CA LYS C 146 -3.22 34.28 16.65
C LYS C 146 -2.39 35.39 16.05
N VAL C 147 -2.23 35.38 14.73
CA VAL C 147 -1.47 36.39 14.01
C VAL C 147 -2.46 37.22 13.20
N GLN C 148 -2.44 38.53 13.43
CA GLN C 148 -3.33 39.45 12.74
C GLN C 148 -2.50 40.55 12.08
N TRP C 149 -2.84 40.89 10.84
CA TRP C 149 -2.12 41.90 10.08
C TRP C 149 -2.66 43.27 10.43
N LYS C 150 -1.85 44.06 11.14
CA LYS C 150 -2.24 45.41 11.53
C LYS C 150 -1.96 46.35 10.37
N VAL C 151 -2.80 46.26 9.34
CA VAL C 151 -2.74 47.20 8.23
C VAL C 151 -3.22 48.56 8.71
N ASP C 152 -2.65 49.63 8.13
CA ASP C 152 -2.99 50.98 8.56
C ASP C 152 -4.49 51.22 8.43
N ASN C 153 -5.16 51.38 9.58
CA ASN C 153 -6.61 51.59 9.64
C ASN C 153 -7.35 50.49 8.90
N ALA C 154 -6.87 49.26 9.04
CA ALA C 154 -7.48 48.12 8.36
C ALA C 154 -7.06 46.83 9.05
N LEU C 155 -8.04 45.97 9.32
CA LEU C 155 -7.79 44.62 9.85
C LEU C 155 -8.45 43.65 8.86
N GLN C 156 -7.68 43.24 7.86
CA GLN C 156 -8.19 42.40 6.78
C GLN C 156 -7.35 41.14 6.66
N SER C 157 -7.96 40.09 6.16
CA SER C 157 -7.32 38.80 5.93
C SER C 157 -7.57 38.33 4.51
N GLY C 158 -7.36 39.24 3.56
CA GLY C 158 -7.62 38.90 2.16
C GLY C 158 -6.76 37.77 1.65
N ASN C 159 -5.46 37.80 1.99
CA ASN C 159 -4.55 36.74 1.57
C ASN C 159 -3.38 36.70 2.54
N SER C 160 -3.22 35.56 3.21
CA SER C 160 -2.11 35.36 4.14
C SER C 160 -1.92 33.87 4.41
N GLN C 161 -0.69 33.39 4.33
CA GLN C 161 -0.41 31.98 4.52
C GLN C 161 0.59 31.80 5.65
N GLU C 162 0.36 30.79 6.49
CA GLU C 162 1.16 30.54 7.68
C GLU C 162 2.03 29.31 7.46
N SER C 163 3.06 29.20 8.31
CA SER C 163 3.96 28.06 8.29
C SER C 163 4.29 27.67 9.71
N VAL C 164 4.25 26.36 9.99
CA VAL C 164 4.50 25.83 11.31
C VAL C 164 5.62 24.80 11.22
N THR C 165 6.58 24.89 12.13
CA THR C 165 7.68 23.95 12.21
C THR C 165 7.33 22.82 13.19
N GLU C 166 8.02 21.69 13.02
CA GLU C 166 7.84 20.58 13.92
C GLU C 166 8.49 20.90 15.27
N GLN C 167 8.32 19.99 16.23
CA GLN C 167 8.85 20.23 17.56
C GLN C 167 10.38 20.15 17.56
N ASP C 168 11.01 21.11 18.21
CA ASP C 168 12.45 21.10 18.37
C ASP C 168 12.85 20.08 19.44
N SER C 169 14.12 19.68 19.41
CA SER C 169 14.65 18.70 20.35
C SER C 169 15.39 19.37 21.50
N LYS C 170 16.41 20.17 21.19
CA LYS C 170 17.20 20.79 22.24
C LYS C 170 16.37 21.80 23.04
N ASP C 171 15.56 22.60 22.36
CA ASP C 171 14.82 23.68 23.00
C ASP C 171 13.35 23.37 23.24
N SER C 172 12.78 22.45 22.46
CA SER C 172 11.42 21.95 22.67
C SER C 172 10.35 23.03 22.55
N THR C 173 10.59 24.05 21.73
CA THR C 173 9.58 25.07 21.46
C THR C 173 9.18 25.04 19.98
N TYR C 174 8.14 25.80 19.66
CA TYR C 174 7.62 25.90 18.31
C TYR C 174 7.99 27.25 17.69
N SER C 175 7.74 27.37 16.40
CA SER C 175 8.03 28.60 15.69
C SER C 175 7.09 28.73 14.50
N LEU C 176 6.61 29.95 14.27
CA LEU C 176 5.68 30.24 13.19
C LEU C 176 6.15 31.49 12.44
N SER C 177 5.76 31.59 11.19
CA SER C 177 6.02 32.76 10.38
C SER C 177 4.79 33.09 9.55
N SER C 178 4.69 34.35 9.15
CA SER C 178 3.57 34.84 8.37
C SER C 178 4.08 35.48 7.09
N THR C 179 3.32 35.31 6.00
CA THR C 179 3.64 35.88 4.71
C THR C 179 2.41 36.58 4.16
N LEU C 180 2.63 37.70 3.46
CA LEU C 180 1.55 38.45 2.85
C LEU C 180 1.90 38.79 1.42
N THR C 181 0.87 38.92 0.60
CA THR C 181 1.00 39.32 -0.80
C THR C 181 0.19 40.59 -1.03
N LEU C 182 0.76 41.52 -1.80
CA LEU C 182 0.09 42.79 -2.03
C LEU C 182 0.45 43.31 -3.40
N SER C 183 -0.36 44.25 -3.89
CA SER C 183 -0.19 44.79 -5.23
C SER C 183 1.19 45.39 -5.41
N LYS C 184 1.81 45.07 -6.55
CA LYS C 184 3.13 45.60 -6.86
C LYS C 184 3.11 47.10 -7.13
N ALA C 185 1.93 47.66 -7.42
CA ALA C 185 1.79 49.00 -7.99
C ALA C 185 2.65 50.06 -7.31
N ASP C 186 2.41 50.33 -6.03
CA ASP C 186 3.24 51.30 -5.33
C ASP C 186 3.55 50.87 -3.89
N TYR C 187 2.68 50.03 -3.32
CA TYR C 187 2.82 49.53 -1.96
C TYR C 187 2.77 50.67 -0.94
N GLU C 188 2.57 51.90 -1.41
CA GLU C 188 2.50 53.07 -0.55
C GLU C 188 1.07 53.52 -0.28
N LYS C 189 0.08 52.71 -0.67
CA LYS C 189 -1.31 53.06 -0.38
C LYS C 189 -1.54 53.17 1.12
N HIS C 190 -0.99 52.23 1.90
CA HIS C 190 -0.98 52.31 3.35
C HIS C 190 0.47 52.18 3.82
N LYS C 191 0.95 53.20 4.55
CA LYS C 191 2.34 53.25 4.94
C LYS C 191 2.63 52.49 6.23
N VAL C 192 1.61 52.05 6.96
CA VAL C 192 1.80 51.38 8.23
C VAL C 192 1.51 49.90 8.05
N TYR C 193 2.50 49.07 8.38
CA TYR C 193 2.38 47.62 8.30
C TYR C 193 2.85 47.01 9.61
N ALA C 194 2.03 46.12 10.18
CA ALA C 194 2.36 45.49 11.44
C ALA C 194 1.62 44.18 11.56
N CYS C 195 2.14 43.30 12.41
CA CYS C 195 1.53 42.01 12.70
C CYS C 195 1.37 41.87 14.21
N GLU C 196 0.17 41.50 14.65
CA GLU C 196 -0.13 41.37 16.06
C GLU C 196 -0.05 39.92 16.50
N VAL C 197 -0.05 39.72 17.81
CA VAL C 197 -0.05 38.37 18.39
C VAL C 197 -0.52 38.47 19.83
N THR C 198 -1.31 37.47 20.24
CA THR C 198 -1.78 37.35 21.61
C THR C 198 -1.40 35.98 22.15
N HIS C 199 -0.97 35.95 23.40
CA HIS C 199 -0.49 34.71 24.00
C HIS C 199 -0.71 34.75 25.51
N GLN C 200 -0.60 33.57 26.13
CA GLN C 200 -0.82 33.47 27.57
C GLN C 200 0.22 34.26 28.35
N GLY C 201 1.49 34.07 28.05
CA GLY C 201 2.55 34.77 28.75
C GLY C 201 2.91 36.09 28.10
N LEU C 202 1.92 36.97 27.96
CA LEU C 202 2.12 38.26 27.31
C LEU C 202 1.52 39.44 28.08
N SER C 203 0.56 39.22 28.98
CA SER C 203 -0.15 40.29 29.66
C SER C 203 -0.76 41.25 28.66
N SER C 204 -0.25 42.47 28.59
CA SER C 204 -0.72 43.42 27.59
C SER C 204 -0.32 42.95 26.19
N PRO C 205 -1.17 43.15 25.19
CA PRO C 205 -0.81 42.75 23.83
C PRO C 205 0.40 43.53 23.33
N VAL C 206 1.22 42.85 22.52
CA VAL C 206 2.47 43.41 22.02
C VAL C 206 2.27 43.87 20.59
N THR C 207 2.75 45.08 20.28
CA THR C 207 2.68 45.63 18.92
C THR C 207 4.04 46.23 18.59
N LYS C 208 4.64 45.76 17.50
CA LYS C 208 5.95 46.26 17.09
C LYS C 208 6.03 46.30 15.58
N SER C 209 6.37 47.46 15.04
CA SER C 209 6.48 47.65 13.60
C SER C 209 7.51 48.74 13.32
N PHE C 210 7.69 49.06 12.04
CA PHE C 210 8.62 50.12 11.66
C PHE C 210 8.19 50.66 10.30
N ASN C 211 7.67 51.87 10.29
CA ASN C 211 7.36 52.55 9.03
C ASN C 211 8.65 52.96 8.33
N ARG C 212 8.64 52.87 7.00
CA ARG C 212 9.84 53.19 6.23
C ARG C 212 10.18 54.67 6.35
N GLY C 213 11.48 54.95 6.45
CA GLY C 213 11.96 56.32 6.59
C GLY C 213 13.42 56.40 6.99
#